data_1V6Z
#
_entry.id   1V6Z
#
_cell.length_a   54.406
_cell.length_b   78.506
_cell.length_c   54.871
_cell.angle_alpha   90.00
_cell.angle_beta   114.43
_cell.angle_gamma   90.00
#
_symmetry.space_group_name_H-M   'P 1 21 1'
#
loop_
_entity.id
_entity.type
_entity.pdbx_description
1 polymer 'hypothetical protein TTHA0657'
2 water water
#
_entity_poly.entity_id   1
_entity_poly.type   'polypeptide(L)'
_entity_poly.pdbx_seq_one_letter_code
;(MSE)RPHRAFSPGLTGVLPLRETRHLVEVLRARVGDRFTVFDGEREALAEVVDLGPPLRYRVLEERRPEREVGVEVVLY
VALLKGDKLAEVVRAATELGATRIQPLVTRHSVPKE(MSE)GEGKLRRLRAVALEAAKQSGRVVVPEVLPPIPLKAVPQV
AQGLVAHVGATARVREVLDPEKPLALAVGPEGGFAEEEVALLEARGFTPVSLGRRILRAETAALALLALCTAGEGR
;
_entity_poly.pdbx_strand_id   A,B
#
# COMPACT_ATOMS: atom_id res chain seq x y z
N ARG A 2 15.52 -29.24 -2.35
CA ARG A 2 14.84 -29.12 -1.02
C ARG A 2 15.20 -27.83 -0.28
N PRO A 3 15.54 -26.74 -1.00
CA PRO A 3 15.89 -25.49 -0.32
C PRO A 3 14.75 -24.89 0.50
N HIS A 4 15.09 -24.24 1.60
CA HIS A 4 14.10 -23.61 2.46
C HIS A 4 14.74 -22.52 3.30
N ARG A 5 13.99 -21.46 3.56
CA ARG A 5 14.50 -20.37 4.36
C ARG A 5 13.65 -20.25 5.61
N ALA A 6 14.31 -20.23 6.76
CA ALA A 6 13.64 -20.14 8.04
C ALA A 6 14.00 -18.87 8.78
N PHE A 7 12.98 -18.23 9.35
CA PHE A 7 13.15 -17.01 10.12
C PHE A 7 13.86 -17.36 11.43
N SER A 8 14.96 -16.68 11.71
CA SER A 8 15.74 -16.95 12.93
C SER A 8 16.31 -15.62 13.44
N PRO A 9 15.59 -14.92 14.32
CA PRO A 9 16.04 -13.62 14.85
C PRO A 9 17.48 -13.59 15.33
N GLY A 10 18.32 -12.81 14.67
CA GLY A 10 19.71 -12.70 15.06
C GLY A 10 20.64 -13.77 14.52
N LEU A 11 20.09 -14.76 13.81
CA LEU A 11 20.92 -15.85 13.28
C LEU A 11 21.81 -16.39 14.39
N THR A 12 21.21 -16.67 15.55
CA THR A 12 21.94 -17.14 16.73
C THR A 12 22.33 -18.61 16.78
N GLY A 13 21.86 -19.40 15.83
CA GLY A 13 22.20 -20.81 15.86
C GLY A 13 21.07 -21.66 16.39
N VAL A 14 20.02 -21.01 16.87
CA VAL A 14 18.87 -21.73 17.38
C VAL A 14 17.62 -21.14 16.74
N LEU A 15 16.77 -22.01 16.21
CA LEU A 15 15.55 -21.59 15.55
C LEU A 15 14.38 -21.50 16.51
N PRO A 16 13.38 -20.69 16.17
CA PRO A 16 12.20 -20.55 17.03
C PRO A 16 11.48 -21.89 16.94
N LEU A 17 10.62 -22.19 17.91
CA LEU A 17 9.90 -23.45 17.92
C LEU A 17 9.00 -23.67 16.69
N ARG A 18 8.41 -22.60 16.17
CA ARG A 18 7.55 -22.77 15.01
C ARG A 18 8.35 -23.25 13.80
N GLU A 19 9.42 -22.53 13.48
CA GLU A 19 10.28 -22.90 12.36
C GLU A 19 10.89 -24.29 12.55
N THR A 20 11.17 -24.64 13.81
CA THR A 20 11.75 -25.94 14.13
C THR A 20 10.80 -27.07 13.71
N ARG A 21 9.57 -27.01 14.21
CA ARG A 21 8.58 -28.03 13.90
C ARG A 21 8.33 -28.17 12.40
N HIS A 22 8.33 -27.05 11.69
CA HIS A 22 8.10 -27.05 10.25
C HIS A 22 9.21 -27.75 9.49
N LEU A 23 10.45 -27.48 9.89
CA LEU A 23 11.61 -28.06 9.26
C LEU A 23 11.75 -29.54 9.62
N VAL A 24 11.57 -29.86 10.90
CA VAL A 24 11.67 -31.23 11.40
C VAL A 24 10.46 -32.08 11.07
N GLU A 25 9.28 -31.63 11.49
CA GLU A 25 8.04 -32.38 11.25
C GLU A 25 7.54 -32.36 9.81
N VAL A 26 7.50 -31.19 9.17
CA VAL A 26 7.00 -31.13 7.79
C VAL A 26 8.02 -31.40 6.71
N LEU A 27 9.16 -30.70 6.76
CA LEU A 27 10.19 -30.89 5.75
C LEU A 27 11.11 -32.08 5.99
N ARG A 28 10.94 -32.75 7.12
CA ARG A 28 11.76 -33.92 7.44
C ARG A 28 13.25 -33.61 7.49
N ALA A 29 13.59 -32.49 8.12
CA ALA A 29 14.99 -32.08 8.24
C ALA A 29 15.77 -33.09 9.09
N ARG A 30 17.06 -33.21 8.79
CA ARG A 30 17.96 -34.12 9.50
C ARG A 30 19.28 -33.41 9.75
N VAL A 31 20.04 -33.92 10.71
CA VAL A 31 21.35 -33.35 11.03
C VAL A 31 22.19 -33.44 9.76
N GLY A 32 22.91 -32.36 9.46
CA GLY A 32 23.74 -32.32 8.27
C GLY A 32 23.07 -31.59 7.11
N ASP A 33 21.75 -31.48 7.14
CA ASP A 33 21.01 -30.79 6.07
C ASP A 33 21.35 -29.31 6.02
N ARG A 34 21.28 -28.72 4.84
CA ARG A 34 21.57 -27.31 4.69
C ARG A 34 20.34 -26.53 4.31
N PHE A 35 20.23 -25.32 4.83
CA PHE A 35 19.07 -24.48 4.57
C PHE A 35 19.46 -23.02 4.81
N THR A 36 18.53 -22.11 4.55
CA THR A 36 18.79 -20.69 4.71
C THR A 36 18.09 -20.09 5.92
N VAL A 37 18.81 -19.26 6.68
CA VAL A 37 18.23 -18.58 7.83
C VAL A 37 18.29 -17.08 7.56
N PHE A 38 17.30 -16.34 8.06
CA PHE A 38 17.26 -14.89 7.82
C PHE A 38 16.43 -14.20 8.90
N ASP A 39 16.60 -12.88 9.02
CA ASP A 39 15.85 -12.13 10.03
C ASP A 39 15.52 -10.69 9.63
N GLY A 40 15.62 -10.37 8.34
CA GLY A 40 15.31 -9.01 7.92
C GLY A 40 16.51 -8.10 7.87
N GLU A 41 17.51 -8.40 8.69
CA GLU A 41 18.76 -7.63 8.72
C GLU A 41 19.86 -8.41 8.01
N ARG A 42 19.95 -9.69 8.33
CA ARG A 42 20.98 -10.56 7.75
C ARG A 42 20.41 -11.87 7.23
N GLU A 43 21.27 -12.63 6.56
CA GLU A 43 20.89 -13.92 5.98
C GLU A 43 22.14 -14.78 5.88
N ALA A 44 21.98 -16.11 5.91
CA ALA A 44 23.12 -17.00 5.81
C ALA A 44 22.73 -18.43 5.48
N LEU A 45 23.68 -19.17 4.89
CA LEU A 45 23.46 -20.57 4.58
C LEU A 45 23.80 -21.26 5.89
N ALA A 46 22.94 -22.17 6.33
CA ALA A 46 23.19 -22.88 7.58
C ALA A 46 23.16 -24.40 7.42
N GLU A 47 23.64 -25.10 8.44
CA GLU A 47 23.65 -26.55 8.44
C GLU A 47 23.09 -27.03 9.77
N VAL A 48 22.13 -27.95 9.71
CA VAL A 48 21.51 -28.49 10.91
C VAL A 48 22.52 -29.23 11.77
N VAL A 49 22.61 -28.87 13.03
CA VAL A 49 23.53 -29.50 13.97
C VAL A 49 22.81 -30.39 14.98
N ASP A 50 21.57 -30.01 15.31
CA ASP A 50 20.78 -30.73 16.28
C ASP A 50 19.30 -30.43 16.04
N LEU A 51 18.47 -31.46 15.94
CA LEU A 51 17.04 -31.26 15.72
C LEU A 51 16.34 -30.73 16.98
N GLY A 52 17.02 -30.84 18.11
CA GLY A 52 16.45 -30.37 19.36
C GLY A 52 15.19 -31.14 19.73
N PRO A 53 14.03 -30.46 19.84
CA PRO A 53 13.83 -29.02 19.61
C PRO A 53 14.22 -28.16 20.81
N PRO A 54 14.53 -26.87 20.59
CA PRO A 54 14.51 -26.24 19.27
C PRO A 54 15.69 -26.68 18.42
N LEU A 55 15.58 -26.52 17.11
CA LEU A 55 16.64 -26.91 16.19
C LEU A 55 17.83 -25.95 16.27
N ARG A 56 19.02 -26.53 16.31
CA ARG A 56 20.26 -25.77 16.37
C ARG A 56 21.02 -25.98 15.07
N TYR A 57 21.71 -24.94 14.63
CA TYR A 57 22.46 -24.98 13.38
C TYR A 57 23.72 -24.13 13.47
N ARG A 58 24.61 -24.31 12.50
CA ARG A 58 25.84 -23.52 12.44
C ARG A 58 25.82 -22.75 11.13
N VAL A 59 26.33 -21.53 11.15
CA VAL A 59 26.36 -20.67 9.98
C VAL A 59 27.51 -21.03 9.04
N LEU A 60 27.17 -21.43 7.82
CA LEU A 60 28.19 -21.80 6.84
C LEU A 60 28.77 -20.56 6.14
N GLU A 61 27.91 -19.59 5.82
CA GLU A 61 28.36 -18.37 5.16
C GLU A 61 27.31 -17.28 5.15
N GLU A 62 27.74 -16.06 5.44
CA GLU A 62 26.84 -14.90 5.46
C GLU A 62 26.45 -14.54 4.05
N ARG A 63 25.20 -14.12 3.88
CA ARG A 63 24.69 -13.72 2.58
C ARG A 63 23.89 -12.44 2.70
N ARG A 64 23.87 -11.67 1.62
CA ARG A 64 23.15 -10.41 1.58
C ARG A 64 21.66 -10.62 1.37
N PRO A 65 20.81 -10.00 2.20
CA PRO A 65 19.38 -10.21 1.97
C PRO A 65 19.04 -9.61 0.60
N GLU A 66 18.05 -10.17 -0.10
CA GLU A 66 17.64 -9.63 -1.39
C GLU A 66 16.82 -8.39 -1.06
N ARG A 67 17.16 -7.26 -1.66
CA ARG A 67 16.47 -6.00 -1.39
C ARG A 67 15.71 -5.37 -2.54
N GLU A 68 16.07 -5.75 -3.77
CA GLU A 68 15.44 -5.17 -4.93
C GLU A 68 14.17 -5.87 -5.37
N VAL A 69 13.32 -5.11 -6.05
CA VAL A 69 12.06 -5.64 -6.56
C VAL A 69 12.36 -6.69 -7.62
N GLY A 70 13.42 -6.48 -8.40
CA GLY A 70 13.77 -7.48 -9.41
C GLY A 70 13.60 -7.05 -10.86
N VAL A 71 12.94 -5.92 -11.05
CA VAL A 71 12.72 -5.34 -12.37
C VAL A 71 12.76 -3.85 -12.13
N GLU A 72 12.91 -3.08 -13.20
CA GLU A 72 12.94 -1.64 -13.05
C GLU A 72 11.59 -1.11 -12.58
N VAL A 73 11.63 -0.14 -11.66
CA VAL A 73 10.42 0.47 -11.13
C VAL A 73 10.65 1.97 -11.25
N VAL A 74 9.99 2.60 -12.21
CA VAL A 74 10.16 4.01 -12.49
C VAL A 74 8.95 4.85 -12.09
N LEU A 75 9.16 5.81 -11.19
CA LEU A 75 8.08 6.68 -10.76
C LEU A 75 8.08 7.99 -11.53
N TYR A 76 7.03 8.22 -12.31
CA TYR A 76 6.89 9.49 -13.05
C TYR A 76 5.91 10.28 -12.19
N VAL A 77 6.42 11.30 -11.51
CA VAL A 77 5.58 12.08 -10.60
C VAL A 77 5.67 13.59 -10.84
N ALA A 78 4.50 14.23 -10.85
CA ALA A 78 4.36 15.64 -11.08
C ALA A 78 5.05 16.44 -9.99
N LEU A 79 5.64 17.56 -10.38
CA LEU A 79 6.30 18.43 -9.43
C LEU A 79 5.26 18.84 -8.39
N LEU A 80 5.70 18.85 -7.13
CA LEU A 80 4.87 19.22 -6.01
C LEU A 80 5.54 20.37 -5.24
N LYS A 81 4.73 21.16 -4.56
CA LYS A 81 5.26 22.30 -3.81
C LYS A 81 6.00 21.87 -2.53
N GLY A 82 6.87 22.74 -2.04
CA GLY A 82 7.59 22.47 -0.81
C GLY A 82 8.48 21.24 -0.72
N ASP A 83 8.38 20.55 0.41
CA ASP A 83 9.19 19.35 0.63
C ASP A 83 8.43 18.09 0.28
N LYS A 84 7.25 18.24 -0.31
CA LYS A 84 6.45 17.10 -0.67
C LYS A 84 7.24 16.07 -1.50
N LEU A 85 8.04 16.54 -2.46
CA LEU A 85 8.81 15.59 -3.26
C LEU A 85 9.86 14.82 -2.48
N ALA A 86 10.40 15.44 -1.43
CA ALA A 86 11.41 14.79 -0.60
C ALA A 86 10.75 13.61 0.10
N GLU A 87 9.52 13.82 0.55
CA GLU A 87 8.78 12.78 1.22
C GLU A 87 8.48 11.67 0.21
N VAL A 88 8.08 12.06 -1.00
CA VAL A 88 7.77 11.07 -2.03
C VAL A 88 9.02 10.25 -2.35
N VAL A 89 10.15 10.93 -2.54
CA VAL A 89 11.39 10.24 -2.86
C VAL A 89 11.77 9.26 -1.74
N ARG A 90 11.65 9.68 -0.49
CA ARG A 90 12.00 8.79 0.63
C ARG A 90 11.11 7.55 0.64
N ALA A 91 9.80 7.74 0.56
CA ALA A 91 8.89 6.59 0.55
C ALA A 91 9.10 5.71 -0.68
N ALA A 92 9.30 6.33 -1.83
CA ALA A 92 9.50 5.60 -3.09
C ALA A 92 10.77 4.76 -2.99
N THR A 93 11.77 5.31 -2.32
CA THR A 93 13.02 4.60 -2.16
C THR A 93 12.81 3.35 -1.31
N GLU A 94 12.17 3.51 -0.16
CA GLU A 94 11.96 2.36 0.69
C GLU A 94 10.97 1.40 0.05
N LEU A 95 10.17 1.89 -0.91
CA LEU A 95 9.21 1.04 -1.60
C LEU A 95 9.79 0.39 -2.85
N GLY A 96 11.10 0.54 -3.06
CA GLY A 96 11.74 -0.14 -4.19
C GLY A 96 11.93 0.55 -5.52
N ALA A 97 11.53 1.81 -5.63
CA ALA A 97 11.72 2.53 -6.89
C ALA A 97 13.21 2.49 -7.28
N THR A 98 13.47 2.41 -8.57
CA THR A 98 14.86 2.40 -9.06
C THR A 98 15.14 3.72 -9.79
N ARG A 99 14.08 4.42 -10.17
CA ARG A 99 14.24 5.69 -10.88
C ARG A 99 13.07 6.59 -10.57
N ILE A 100 13.35 7.88 -10.39
CA ILE A 100 12.31 8.85 -10.10
C ILE A 100 12.45 10.01 -11.09
N GLN A 101 11.38 10.22 -11.85
CA GLN A 101 11.33 11.25 -12.87
C GLN A 101 10.25 12.29 -12.58
N PRO A 102 10.66 13.47 -12.13
CA PRO A 102 9.72 14.57 -11.82
C PRO A 102 9.13 15.06 -13.15
N LEU A 103 7.87 15.46 -13.14
CA LEU A 103 7.21 15.91 -14.35
C LEU A 103 6.60 17.29 -14.26
N VAL A 104 6.73 18.07 -15.34
CA VAL A 104 6.08 19.37 -15.38
C VAL A 104 4.71 19.04 -16.02
N THR A 105 3.62 19.32 -15.33
CA THR A 105 2.32 19.00 -15.90
C THR A 105 1.45 20.26 -15.97
N ARG A 106 0.30 20.13 -16.62
CA ARG A 106 -0.60 21.27 -16.78
C ARG A 106 -0.92 21.95 -15.44
N HIS A 107 -1.25 21.15 -14.44
CA HIS A 107 -1.60 21.69 -13.12
C HIS A 107 -0.52 21.62 -12.05
N SER A 108 0.69 21.22 -12.40
CA SER A 108 1.74 21.17 -11.39
C SER A 108 2.07 22.61 -11.01
N VAL A 109 2.09 22.92 -9.72
CA VAL A 109 2.37 24.28 -9.28
C VAL A 109 3.74 24.72 -9.79
N PRO A 110 4.82 24.06 -9.34
CA PRO A 110 6.13 24.47 -9.84
C PRO A 110 6.27 23.98 -11.28
N LYS A 111 7.00 24.74 -12.10
CA LYS A 111 7.19 24.36 -13.50
C LYS A 111 8.66 24.04 -13.73
N GLU A 112 9.47 24.16 -12.68
CA GLU A 112 10.89 23.84 -12.79
C GLU A 112 11.43 23.45 -11.42
N MSE A 113 12.66 22.95 -11.38
CA MSE A 113 13.29 22.53 -10.14
C MSE A 113 14.72 23.03 -10.14
O MSE A 113 15.44 22.81 -11.09
CB MSE A 113 13.29 21.01 -10.03
CG MSE A 113 13.97 20.46 -8.78
SE MSE A 113 14.06 18.51 -8.81
CE MSE A 113 12.23 18.16 -8.45
N GLY A 114 15.13 23.71 -9.07
CA GLY A 114 16.48 24.21 -9.03
C GLY A 114 17.48 23.13 -8.69
N GLU A 115 18.75 23.42 -8.91
CA GLU A 115 19.82 22.47 -8.62
C GLU A 115 19.79 22.10 -7.13
N GLY A 116 19.50 23.08 -6.29
CA GLY A 116 19.44 22.84 -4.86
C GLY A 116 18.43 21.78 -4.46
N LYS A 117 17.25 21.80 -5.07
CA LYS A 117 16.22 20.82 -4.76
C LYS A 117 16.60 19.45 -5.31
N LEU A 118 17.13 19.44 -6.53
CA LEU A 118 17.56 18.18 -7.15
C LEU A 118 18.59 17.50 -6.27
N ARG A 119 19.59 18.26 -5.83
CA ARG A 119 20.62 17.69 -4.97
C ARG A 119 20.02 17.18 -3.67
N ARG A 120 19.11 17.95 -3.09
CA ARG A 120 18.48 17.52 -1.86
C ARG A 120 17.75 16.19 -2.08
N LEU A 121 16.99 16.10 -3.17
CA LEU A 121 16.27 14.87 -3.45
C LEU A 121 17.22 13.70 -3.60
N ARG A 122 18.38 13.94 -4.20
CA ARG A 122 19.35 12.87 -4.39
C ARG A 122 19.94 12.46 -3.04
N ALA A 123 20.07 13.42 -2.14
CA ALA A 123 20.60 13.15 -0.79
C ALA A 123 19.56 12.32 -0.02
N VAL A 124 18.29 12.62 -0.24
CA VAL A 124 17.22 11.87 0.43
C VAL A 124 17.18 10.44 -0.10
N ALA A 125 17.38 10.28 -1.40
CA ALA A 125 17.40 8.95 -2.02
C ALA A 125 18.54 8.12 -1.43
N LEU A 126 19.71 8.74 -1.35
CA LEU A 126 20.89 8.10 -0.81
C LEU A 126 20.61 7.61 0.60
N GLU A 127 20.21 8.53 1.46
CA GLU A 127 19.91 8.20 2.85
C GLU A 127 18.82 7.15 3.01
N ALA A 128 17.71 7.34 2.30
CA ALA A 128 16.60 6.40 2.39
C ALA A 128 17.03 5.01 1.90
N ALA A 129 17.92 4.95 0.93
CA ALA A 129 18.39 3.67 0.42
C ALA A 129 19.07 2.92 1.56
N LYS A 130 19.92 3.63 2.29
CA LYS A 130 20.65 3.06 3.41
C LYS A 130 19.73 2.61 4.52
N GLN A 131 18.75 3.44 4.87
CA GLN A 131 17.85 3.08 5.94
C GLN A 131 16.90 1.95 5.57
N SER A 132 16.64 1.75 4.28
CA SER A 132 15.74 0.67 3.89
C SER A 132 16.52 -0.62 3.62
N GLY A 133 17.84 -0.56 3.82
CA GLY A 133 18.68 -1.72 3.62
C GLY A 133 19.17 -1.94 2.19
N ARG A 134 18.82 -1.03 1.28
CA ARG A 134 19.23 -1.15 -0.11
C ARG A 134 20.67 -0.70 -0.36
N VAL A 135 21.30 -1.31 -1.35
CA VAL A 135 22.65 -0.97 -1.77
C VAL A 135 22.40 -0.05 -2.98
N VAL A 136 21.37 -0.38 -3.73
CA VAL A 136 20.99 0.39 -4.91
C VAL A 136 20.34 1.70 -4.48
N VAL A 137 20.74 2.79 -5.11
CA VAL A 137 20.20 4.12 -4.82
C VAL A 137 19.38 4.56 -6.05
N PRO A 138 18.10 4.88 -5.84
CA PRO A 138 17.24 5.32 -6.94
C PRO A 138 17.80 6.54 -7.64
N GLU A 139 17.79 6.54 -8.97
CA GLU A 139 18.26 7.70 -9.71
C GLU A 139 17.16 8.74 -9.68
N VAL A 140 17.51 9.99 -9.45
CA VAL A 140 16.55 11.08 -9.45
C VAL A 140 16.96 12.01 -10.57
N LEU A 141 16.09 12.19 -11.54
CA LEU A 141 16.38 13.00 -12.70
C LEU A 141 15.80 14.41 -12.68
N PRO A 142 16.41 15.32 -13.47
CA PRO A 142 15.88 16.68 -13.50
C PRO A 142 14.49 16.54 -14.13
N PRO A 143 13.60 17.50 -13.91
CA PRO A 143 12.26 17.38 -14.49
C PRO A 143 12.20 17.39 -16.03
N ILE A 144 11.13 16.82 -16.56
CA ILE A 144 10.91 16.80 -18.01
C ILE A 144 9.43 17.09 -18.23
N PRO A 145 9.06 17.55 -19.43
CA PRO A 145 7.67 17.84 -19.72
C PRO A 145 6.95 16.49 -19.79
N LEU A 146 5.68 16.48 -19.43
CA LEU A 146 4.90 15.25 -19.47
C LEU A 146 5.00 14.57 -20.84
N LYS A 147 5.03 15.36 -21.91
CA LYS A 147 5.10 14.81 -23.26
C LYS A 147 6.36 13.96 -23.49
N ALA A 148 7.41 14.24 -22.74
CA ALA A 148 8.65 13.51 -22.91
C ALA A 148 8.63 12.12 -22.29
N VAL A 149 7.55 11.80 -21.57
CA VAL A 149 7.43 10.47 -20.97
C VAL A 149 7.50 9.50 -22.16
N PRO A 150 8.35 8.46 -22.09
CA PRO A 150 8.46 7.50 -23.20
C PRO A 150 7.39 6.42 -23.22
N GLN A 151 7.31 5.71 -24.34
CA GLN A 151 6.39 4.58 -24.47
C GLN A 151 6.90 3.65 -23.38
N VAL A 152 6.01 2.94 -22.69
CA VAL A 152 6.45 2.01 -21.66
C VAL A 152 5.91 0.61 -21.88
N ALA A 153 6.69 -0.39 -21.48
CA ALA A 153 6.30 -1.78 -21.62
C ALA A 153 5.12 -2.04 -20.69
N GLN A 154 5.13 -1.40 -19.53
CA GLN A 154 4.07 -1.56 -18.54
C GLN A 154 3.94 -0.31 -17.68
N GLY A 155 2.75 0.28 -17.66
CA GLY A 155 2.52 1.46 -16.86
C GLY A 155 1.15 1.46 -16.21
N LEU A 156 1.06 2.12 -15.06
CA LEU A 156 -0.18 2.24 -14.31
C LEU A 156 -0.28 3.70 -13.85
N VAL A 157 -1.49 4.24 -13.93
CA VAL A 157 -1.76 5.61 -13.49
C VAL A 157 -3.09 5.57 -12.74
N ALA A 158 -3.13 6.16 -11.54
CA ALA A 158 -4.36 6.15 -10.77
C ALA A 158 -5.32 7.09 -11.48
N HIS A 159 -6.57 6.67 -11.62
CA HIS A 159 -7.59 7.47 -12.29
C HIS A 159 -8.96 7.31 -11.63
N VAL A 160 -9.59 8.42 -11.28
CA VAL A 160 -10.89 8.38 -10.62
C VAL A 160 -11.92 7.46 -11.28
N GLY A 161 -12.05 7.55 -12.61
CA GLY A 161 -13.02 6.72 -13.30
C GLY A 161 -12.66 5.26 -13.52
N ALA A 162 -11.43 4.87 -13.21
CA ALA A 162 -11.00 3.49 -13.40
C ALA A 162 -11.63 2.49 -12.44
N THR A 163 -11.73 1.24 -12.88
CA THR A 163 -12.31 0.17 -12.07
C THR A 163 -11.30 -0.95 -11.79
N ALA A 164 -10.38 -1.18 -12.73
CA ALA A 164 -9.38 -2.23 -12.55
C ALA A 164 -8.51 -1.96 -11.32
N ARG A 165 -8.23 -2.99 -10.54
CA ARG A 165 -7.38 -2.86 -9.37
C ARG A 165 -5.97 -3.24 -9.82
N VAL A 166 -4.97 -2.66 -9.19
CA VAL A 166 -3.59 -2.97 -9.55
C VAL A 166 -3.34 -4.47 -9.65
N ARG A 167 -3.79 -5.23 -8.64
CA ARG A 167 -3.57 -6.67 -8.63
C ARG A 167 -4.20 -7.42 -9.77
N GLU A 168 -5.20 -6.81 -10.40
CA GLU A 168 -5.88 -7.45 -11.54
C GLU A 168 -5.16 -7.16 -12.84
N VAL A 169 -4.20 -6.22 -12.81
CA VAL A 169 -3.48 -5.82 -14.01
C VAL A 169 -1.96 -6.01 -14.00
N LEU A 170 -1.36 -5.90 -12.82
CA LEU A 170 0.08 -6.01 -12.69
C LEU A 170 0.73 -7.28 -13.26
N ASP A 171 1.85 -7.09 -13.96
CA ASP A 171 2.65 -8.20 -14.51
C ASP A 171 4.00 -8.08 -13.78
N PRO A 172 4.27 -8.97 -12.82
CA PRO A 172 5.53 -8.91 -12.07
C PRO A 172 6.79 -9.14 -12.87
N GLU A 173 6.67 -9.69 -14.08
CA GLU A 173 7.84 -9.98 -14.89
C GLU A 173 8.34 -8.82 -15.73
N LYS A 174 7.50 -7.82 -15.96
CA LYS A 174 7.89 -6.68 -16.76
C LYS A 174 8.32 -5.46 -15.96
N PRO A 175 9.16 -4.60 -16.56
CA PRO A 175 9.58 -3.41 -15.83
C PRO A 175 8.28 -2.64 -15.55
N LEU A 176 8.31 -1.80 -14.53
CA LEU A 176 7.12 -1.05 -14.14
C LEU A 176 7.27 0.47 -14.17
N ALA A 177 6.27 1.16 -14.72
CA ALA A 177 6.24 2.61 -14.78
C ALA A 177 4.98 3.03 -14.03
N LEU A 178 5.08 4.04 -13.17
CA LEU A 178 3.92 4.49 -12.43
C LEU A 178 3.83 5.98 -12.63
N ALA A 179 2.61 6.49 -12.79
CA ALA A 179 2.47 7.93 -13.01
C ALA A 179 1.51 8.51 -11.98
N VAL A 180 1.94 9.62 -11.38
CA VAL A 180 1.14 10.28 -10.37
C VAL A 180 1.13 11.77 -10.65
N GLY A 181 -0.07 12.34 -10.73
CA GLY A 181 -0.22 13.75 -11.01
C GLY A 181 -0.09 14.63 -9.79
N PRO A 182 -0.19 15.96 -10.00
CA PRO A 182 -0.09 16.92 -8.90
C PRO A 182 -1.35 16.94 -8.06
N GLU A 183 -1.45 17.89 -7.15
CA GLU A 183 -2.63 18.02 -6.31
C GLU A 183 -3.80 18.29 -7.24
N GLY A 184 -3.57 19.16 -8.22
CA GLY A 184 -4.61 19.49 -9.19
C GLY A 184 -4.93 18.29 -10.07
N GLY A 185 -4.11 17.25 -9.96
CA GLY A 185 -4.33 16.03 -10.72
C GLY A 185 -4.03 16.11 -12.20
N PHE A 186 -3.99 14.94 -12.84
CA PHE A 186 -3.73 14.88 -14.28
C PHE A 186 -4.99 15.34 -15.02
N ALA A 187 -4.81 16.22 -16.00
CA ALA A 187 -5.95 16.69 -16.77
C ALA A 187 -6.42 15.58 -17.69
N GLU A 188 -7.62 15.74 -18.23
CA GLU A 188 -8.21 14.76 -19.13
C GLU A 188 -7.24 14.34 -20.22
N GLU A 189 -6.76 15.31 -20.99
CA GLU A 189 -5.84 15.06 -22.08
C GLU A 189 -4.49 14.50 -21.63
N GLU A 190 -4.13 14.73 -20.37
CA GLU A 190 -2.87 14.20 -19.85
C GLU A 190 -3.03 12.70 -19.58
N VAL A 191 -4.20 12.29 -19.10
CA VAL A 191 -4.46 10.87 -18.85
C VAL A 191 -4.47 10.15 -20.21
N ALA A 192 -5.09 10.79 -21.21
CA ALA A 192 -5.17 10.22 -22.56
C ALA A 192 -3.77 10.04 -23.11
N LEU A 193 -2.93 11.03 -22.87
CA LEU A 193 -1.55 10.99 -23.34
C LEU A 193 -0.81 9.83 -22.68
N LEU A 194 -1.02 9.65 -21.37
CA LEU A 194 -0.36 8.57 -20.67
C LEU A 194 -0.81 7.20 -21.19
N GLU A 195 -2.10 7.07 -21.47
CA GLU A 195 -2.61 5.81 -22.01
C GLU A 195 -1.96 5.57 -23.37
N ALA A 196 -1.75 6.63 -24.12
CA ALA A 196 -1.09 6.52 -25.42
C ALA A 196 0.32 5.96 -25.22
N ARG A 197 0.96 6.40 -24.12
CA ARG A 197 2.32 5.95 -23.82
C ARG A 197 2.35 4.51 -23.34
N GLY A 198 1.19 3.97 -22.99
CA GLY A 198 1.14 2.60 -22.53
C GLY A 198 0.71 2.43 -21.08
N PHE A 199 0.28 3.52 -20.43
CA PHE A 199 -0.17 3.43 -19.04
C PHE A 199 -1.63 2.99 -18.96
N THR A 200 -1.89 2.03 -18.07
CA THR A 200 -3.24 1.50 -17.84
C THR A 200 -3.83 2.20 -16.62
N PRO A 201 -5.07 2.72 -16.72
CA PRO A 201 -5.68 3.40 -15.58
C PRO A 201 -6.05 2.40 -14.50
N VAL A 202 -5.78 2.72 -13.23
CA VAL A 202 -6.16 1.83 -12.15
C VAL A 202 -6.86 2.62 -11.06
N SER A 203 -7.67 1.93 -10.27
CA SER A 203 -8.42 2.60 -9.22
C SER A 203 -7.73 2.56 -7.87
N LEU A 204 -7.75 3.70 -7.18
CA LEU A 204 -7.18 3.78 -5.84
C LEU A 204 -8.31 4.03 -4.83
N GLY A 205 -9.54 3.63 -5.17
CA GLY A 205 -10.62 3.78 -4.21
C GLY A 205 -11.60 4.94 -4.28
N ARG A 206 -12.46 4.98 -3.27
CA ARG A 206 -13.53 5.98 -3.17
C ARG A 206 -13.20 7.32 -2.53
N ARG A 207 -11.97 7.50 -2.03
CA ARG A 207 -11.61 8.74 -1.35
C ARG A 207 -10.56 9.60 -2.06
N ILE A 208 -10.64 10.91 -1.85
CA ILE A 208 -9.69 11.84 -2.45
C ILE A 208 -8.35 11.70 -1.71
N LEU A 209 -7.27 11.47 -2.46
CA LEU A 209 -5.94 11.29 -1.87
C LEU A 209 -4.93 12.37 -2.24
N ARG A 210 -4.06 12.72 -1.30
CA ARG A 210 -3.02 13.69 -1.61
C ARG A 210 -2.08 12.99 -2.58
N ALA A 211 -1.42 13.77 -3.44
CA ALA A 211 -0.48 13.21 -4.41
C ALA A 211 0.54 12.29 -3.74
N GLU A 212 1.10 12.75 -2.63
CA GLU A 212 2.11 11.95 -1.91
C GLU A 212 1.55 10.60 -1.49
N THR A 213 0.32 10.59 -0.97
CA THR A 213 -0.30 9.34 -0.54
C THR A 213 -0.67 8.41 -1.70
N ALA A 214 -1.13 8.99 -2.81
CA ALA A 214 -1.47 8.19 -3.98
C ALA A 214 -0.20 7.48 -4.48
N ALA A 215 0.91 8.20 -4.45
CA ALA A 215 2.19 7.64 -4.90
C ALA A 215 2.60 6.47 -4.02
N LEU A 216 2.51 6.67 -2.70
CA LEU A 216 2.87 5.62 -1.74
C LEU A 216 1.98 4.40 -1.93
N ALA A 217 0.67 4.63 -2.05
CA ALA A 217 -0.28 3.54 -2.24
C ALA A 217 -0.03 2.75 -3.53
N LEU A 218 0.11 3.47 -4.64
CA LEU A 218 0.33 2.84 -5.92
C LEU A 218 1.60 1.98 -5.88
N LEU A 219 2.67 2.50 -5.29
CA LEU A 219 3.91 1.72 -5.19
C LEU A 219 3.77 0.51 -4.27
N ALA A 220 3.16 0.74 -3.11
CA ALA A 220 2.99 -0.34 -2.14
C ALA A 220 2.24 -1.51 -2.75
N LEU A 221 1.25 -1.20 -3.59
CA LEU A 221 0.45 -2.23 -4.22
C LEU A 221 1.25 -3.02 -5.22
N CYS A 222 2.34 -2.44 -5.72
CA CYS A 222 3.14 -3.11 -6.73
C CYS A 222 4.39 -3.80 -6.24
N THR A 223 4.93 -3.33 -5.11
CA THR A 223 6.16 -3.90 -4.60
C THR A 223 5.99 -4.56 -3.25
N ALA A 224 6.05 -3.77 -2.18
CA ALA A 224 5.92 -4.32 -0.84
C ALA A 224 4.71 -5.26 -0.74
N GLY A 225 3.55 -4.80 -1.22
CA GLY A 225 2.35 -5.60 -1.15
C GLY A 225 2.38 -6.91 -1.91
N GLU A 226 3.27 -7.01 -2.88
CA GLU A 226 3.38 -8.24 -3.65
C GLU A 226 4.45 -9.13 -3.08
N GLY A 227 5.05 -8.68 -1.98
CA GLY A 227 6.10 -9.44 -1.33
C GLY A 227 7.45 -9.28 -2.02
N ARG A 228 7.56 -8.24 -2.86
CA ARG A 228 8.76 -7.93 -3.63
C ARG A 228 9.62 -6.85 -2.98
N HIS B 4 -25.08 -2.84 -9.82
CA HIS B 4 -23.95 -2.82 -10.80
C HIS B 4 -23.54 -1.39 -11.14
N ARG B 5 -22.22 -1.15 -11.14
CA ARG B 5 -21.68 0.17 -11.45
C ARG B 5 -20.97 0.11 -12.79
N ALA B 6 -21.53 0.79 -13.79
CA ALA B 6 -20.95 0.79 -15.12
C ALA B 6 -20.37 2.14 -15.51
N PHE B 7 -19.11 2.12 -15.95
CA PHE B 7 -18.41 3.32 -16.37
C PHE B 7 -19.04 3.88 -17.66
N SER B 8 -19.48 5.13 -17.60
CA SER B 8 -20.10 5.77 -18.76
C SER B 8 -19.66 7.23 -18.85
N PRO B 9 -18.73 7.53 -19.78
CA PRO B 9 -18.20 8.88 -20.00
C PRO B 9 -19.27 9.95 -20.22
N GLY B 10 -19.50 10.79 -19.21
CA GLY B 10 -20.46 11.86 -19.33
C GLY B 10 -21.92 11.55 -19.03
N LEU B 11 -22.24 10.28 -18.78
CA LEU B 11 -23.62 9.87 -18.49
C LEU B 11 -24.51 10.36 -19.65
N THR B 12 -24.11 10.05 -20.87
CA THR B 12 -24.85 10.49 -22.07
C THR B 12 -26.16 9.74 -22.32
N GLY B 13 -26.29 8.55 -21.75
CA GLY B 13 -27.49 7.77 -21.95
C GLY B 13 -27.17 6.48 -22.70
N VAL B 14 -26.03 6.47 -23.38
CA VAL B 14 -25.58 5.30 -24.12
C VAL B 14 -24.34 4.77 -23.42
N LEU B 15 -24.27 3.45 -23.29
CA LEU B 15 -23.14 2.81 -22.60
C LEU B 15 -22.07 2.32 -23.59
N PRO B 16 -20.78 2.53 -23.26
CA PRO B 16 -19.70 2.08 -24.14
C PRO B 16 -19.81 0.59 -24.45
N LEU B 17 -19.20 0.17 -25.54
CA LEU B 17 -19.23 -1.24 -25.97
C LEU B 17 -18.81 -2.22 -24.88
N ARG B 18 -17.61 -2.03 -24.33
CA ARG B 18 -17.10 -2.92 -23.29
C ARG B 18 -18.10 -3.06 -22.14
N GLU B 19 -18.54 -1.94 -21.60
CA GLU B 19 -19.49 -1.92 -20.50
C GLU B 19 -20.76 -2.70 -20.81
N THR B 20 -21.25 -2.58 -22.05
CA THR B 20 -22.47 -3.28 -22.47
C THR B 20 -22.33 -4.79 -22.39
N ARG B 21 -21.24 -5.31 -22.95
CA ARG B 21 -20.99 -6.74 -22.95
C ARG B 21 -20.81 -7.27 -21.52
N HIS B 22 -20.11 -6.48 -20.71
CA HIS B 22 -19.83 -6.82 -19.32
C HIS B 22 -21.06 -7.10 -18.45
N LEU B 23 -22.17 -6.40 -18.71
CA LEU B 23 -23.37 -6.59 -17.91
C LEU B 23 -24.53 -7.23 -18.66
N VAL B 24 -24.52 -7.15 -19.98
CA VAL B 24 -25.59 -7.73 -20.78
C VAL B 24 -25.30 -9.19 -21.09
N GLU B 25 -24.02 -9.55 -21.11
CA GLU B 25 -23.61 -10.92 -21.41
C GLU B 25 -23.03 -11.63 -20.19
N VAL B 26 -22.09 -10.99 -19.52
CA VAL B 26 -21.46 -11.55 -18.33
C VAL B 26 -22.34 -11.43 -17.09
N LEU B 27 -23.06 -10.32 -16.98
CA LEU B 27 -23.94 -10.10 -15.84
C LEU B 27 -25.41 -10.15 -16.23
N ARG B 28 -25.67 -10.24 -17.54
CA ARG B 28 -27.03 -10.33 -18.05
C ARG B 28 -27.91 -9.18 -17.56
N ALA B 29 -28.16 -8.21 -18.43
CA ALA B 29 -28.96 -7.05 -18.07
C ALA B 29 -30.11 -6.83 -19.06
N ARG B 30 -31.34 -6.92 -18.54
CA ARG B 30 -32.54 -6.73 -19.35
C ARG B 30 -32.98 -5.27 -19.31
N VAL B 31 -33.90 -4.91 -20.20
CA VAL B 31 -34.42 -3.54 -20.25
C VAL B 31 -35.21 -3.27 -18.97
N GLY B 32 -35.25 -2.01 -18.56
CA GLY B 32 -35.98 -1.66 -17.36
C GLY B 32 -35.18 -1.79 -16.08
N ASP B 33 -34.12 -2.60 -16.12
CA ASP B 33 -33.28 -2.80 -14.94
C ASP B 33 -32.53 -1.52 -14.57
N ARG B 34 -32.50 -1.22 -13.28
CA ARG B 34 -31.81 -0.03 -12.81
C ARG B 34 -30.38 -0.37 -12.42
N PHE B 35 -29.46 0.56 -12.72
CA PHE B 35 -28.05 0.38 -12.40
C PHE B 35 -27.40 1.73 -12.17
N THR B 36 -26.18 1.71 -11.63
CA THR B 36 -25.46 2.94 -11.34
C THR B 36 -24.51 3.32 -12.46
N VAL B 37 -24.51 4.61 -12.79
CA VAL B 37 -23.64 5.15 -13.83
C VAL B 37 -22.62 6.03 -13.13
N PHE B 38 -21.42 6.10 -13.68
CA PHE B 38 -20.36 6.92 -13.10
C PHE B 38 -19.23 7.12 -14.09
N ASP B 39 -18.53 8.23 -13.96
CA ASP B 39 -17.39 8.55 -14.81
C ASP B 39 -16.34 9.29 -13.98
N GLY B 40 -16.44 9.15 -12.66
CA GLY B 40 -15.50 9.80 -11.78
C GLY B 40 -16.00 11.15 -11.31
N GLU B 41 -16.44 11.96 -12.27
CA GLU B 41 -16.95 13.29 -11.99
C GLU B 41 -18.31 13.18 -11.31
N ARG B 42 -19.13 12.25 -11.79
CA ARG B 42 -20.48 12.08 -11.25
C ARG B 42 -20.89 10.63 -11.05
N GLU B 43 -22.04 10.46 -10.39
CA GLU B 43 -22.64 9.14 -10.12
C GLU B 43 -24.14 9.32 -10.03
N ALA B 44 -24.89 8.30 -10.46
CA ALA B 44 -26.34 8.39 -10.40
C ALA B 44 -27.03 7.08 -10.73
N LEU B 45 -28.28 6.98 -10.31
CA LEU B 45 -29.10 5.80 -10.56
C LEU B 45 -29.62 5.98 -11.98
N ALA B 46 -29.66 4.90 -12.75
CA ALA B 46 -30.14 4.95 -14.13
C ALA B 46 -30.93 3.70 -14.48
N GLU B 47 -31.69 3.77 -15.57
CA GLU B 47 -32.50 2.62 -15.97
C GLU B 47 -32.17 2.15 -17.37
N VAL B 48 -32.17 0.83 -17.56
CA VAL B 48 -31.89 0.24 -18.87
C VAL B 48 -33.07 0.49 -19.79
N VAL B 49 -32.84 1.27 -20.84
CA VAL B 49 -33.88 1.60 -21.81
C VAL B 49 -33.85 0.67 -23.02
N ASP B 50 -32.66 0.51 -23.58
CA ASP B 50 -32.42 -0.29 -24.77
C ASP B 50 -31.23 -1.21 -24.48
N LEU B 51 -31.30 -2.46 -24.94
CA LEU B 51 -30.20 -3.38 -24.69
C LEU B 51 -29.13 -3.27 -25.77
N GLY B 52 -29.35 -2.37 -26.74
CA GLY B 52 -28.41 -2.14 -27.83
C GLY B 52 -28.03 -3.36 -28.67
N PRO B 53 -26.73 -3.59 -28.88
CA PRO B 53 -25.62 -2.75 -28.40
C PRO B 53 -25.35 -1.60 -29.37
N PRO B 54 -24.86 -0.46 -28.85
CA PRO B 54 -24.55 -0.19 -27.44
C PRO B 54 -25.80 0.07 -26.59
N LEU B 55 -25.77 -0.42 -25.35
CA LEU B 55 -26.90 -0.27 -24.44
C LEU B 55 -27.21 1.18 -24.05
N ARG B 56 -28.51 1.51 -24.08
CA ARG B 56 -29.00 2.84 -23.75
C ARG B 56 -29.68 2.82 -22.38
N TYR B 57 -29.70 3.98 -21.72
CA TYR B 57 -30.31 4.12 -20.39
C TYR B 57 -30.78 5.55 -20.13
N ARG B 58 -31.48 5.76 -19.01
CA ARG B 58 -31.96 7.10 -18.65
C ARG B 58 -31.58 7.43 -17.20
N VAL B 59 -31.24 8.69 -16.97
CA VAL B 59 -30.84 9.14 -15.65
C VAL B 59 -32.07 9.41 -14.77
N LEU B 60 -32.16 8.67 -13.68
CA LEU B 60 -33.29 8.81 -12.77
C LEU B 60 -32.96 9.72 -11.60
N GLU B 61 -31.73 9.65 -11.12
CA GLU B 61 -31.37 10.43 -9.95
C GLU B 61 -29.86 10.56 -9.72
N GLU B 62 -29.40 11.78 -9.53
CA GLU B 62 -27.99 12.00 -9.24
C GLU B 62 -27.88 11.76 -7.75
N ARG B 63 -26.71 11.38 -7.28
CA ARG B 63 -26.52 11.13 -5.85
C ARG B 63 -25.05 11.25 -5.44
N ARG B 64 -24.82 11.62 -4.18
CA ARG B 64 -23.46 11.79 -3.68
C ARG B 64 -22.78 10.43 -3.52
N PRO B 65 -21.58 10.29 -4.11
CA PRO B 65 -20.79 9.04 -4.04
C PRO B 65 -20.50 8.63 -2.60
N GLU B 66 -20.62 7.34 -2.30
CA GLU B 66 -20.32 6.87 -0.95
C GLU B 66 -18.79 6.88 -0.87
N ARG B 67 -18.25 7.26 0.28
CA ARG B 67 -16.81 7.34 0.44
C ARG B 67 -16.20 6.34 1.43
N GLU B 68 -17.04 5.71 2.23
CA GLU B 68 -16.57 4.75 3.22
C GLU B 68 -16.17 3.40 2.62
N VAL B 69 -15.23 2.74 3.28
CA VAL B 69 -14.77 1.43 2.82
C VAL B 69 -15.91 0.39 2.80
N GLY B 70 -16.73 0.37 3.84
CA GLY B 70 -17.83 -0.58 3.87
C GLY B 70 -17.85 -1.47 5.10
N VAL B 71 -16.69 -1.60 5.73
CA VAL B 71 -16.57 -2.41 6.94
C VAL B 71 -15.69 -1.60 7.89
N GLU B 72 -15.66 -2.01 9.15
CA GLU B 72 -14.83 -1.31 10.11
C GLU B 72 -13.36 -1.60 9.80
N VAL B 73 -12.55 -0.55 9.87
CA VAL B 73 -11.12 -0.67 9.61
C VAL B 73 -10.44 0.01 10.79
N VAL B 74 -10.01 -0.80 11.74
CA VAL B 74 -9.37 -0.32 12.95
C VAL B 74 -7.86 -0.43 12.86
N LEU B 75 -7.17 0.69 13.09
CA LEU B 75 -5.72 0.68 13.06
C LEU B 75 -5.14 0.76 14.48
N TYR B 76 -4.54 -0.34 14.92
CA TYR B 76 -3.90 -0.38 16.22
C TYR B 76 -2.45 -0.04 15.91
N VAL B 77 -2.05 1.20 16.22
CA VAL B 77 -0.69 1.62 15.92
C VAL B 77 0.04 2.12 17.16
N ALA B 78 1.27 1.64 17.34
CA ALA B 78 2.07 2.02 18.50
C ALA B 78 2.45 3.50 18.46
N LEU B 79 2.64 4.07 19.65
CA LEU B 79 3.04 5.46 19.77
C LEU B 79 4.42 5.59 19.12
N LEU B 80 4.60 6.66 18.36
CA LEU B 80 5.86 6.87 17.64
C LEU B 80 6.66 8.07 18.12
N LYS B 81 7.89 8.18 17.60
CA LYS B 81 8.76 9.29 17.93
C LYS B 81 8.35 10.52 17.13
N GLY B 82 8.77 11.69 17.59
CA GLY B 82 8.46 12.92 16.90
C GLY B 82 6.97 13.15 16.74
N ASP B 83 6.58 13.72 15.60
CA ASP B 83 5.17 13.98 15.34
C ASP B 83 4.70 13.08 14.20
N LYS B 84 5.30 11.90 14.12
CA LYS B 84 4.95 10.95 13.08
C LYS B 84 3.54 10.37 13.22
N LEU B 85 3.03 10.30 14.45
CA LEU B 85 1.69 9.77 14.61
C LEU B 85 0.64 10.67 13.96
N ALA B 86 0.89 11.98 13.93
CA ALA B 86 -0.05 12.91 13.31
C ALA B 86 -0.15 12.62 11.80
N GLU B 87 0.99 12.40 11.16
CA GLU B 87 0.98 12.10 9.72
C GLU B 87 0.27 10.77 9.45
N VAL B 88 0.50 9.79 10.30
CA VAL B 88 -0.15 8.48 10.15
C VAL B 88 -1.67 8.63 10.26
N VAL B 89 -2.13 9.40 11.24
CA VAL B 89 -3.56 9.62 11.42
C VAL B 89 -4.14 10.30 10.18
N ARG B 90 -3.42 11.28 9.63
CA ARG B 90 -3.91 11.97 8.45
C ARG B 90 -4.06 11.04 7.24
N ALA B 91 -2.98 10.31 6.92
CA ALA B 91 -3.03 9.40 5.79
C ALA B 91 -4.02 8.26 6.02
N ALA B 92 -4.06 7.73 7.24
CA ALA B 92 -4.96 6.62 7.55
C ALA B 92 -6.41 7.06 7.36
N THR B 93 -6.68 8.33 7.61
CA THR B 93 -8.02 8.85 7.44
C THR B 93 -8.33 8.91 5.94
N GLU B 94 -7.36 9.37 5.15
CA GLU B 94 -7.53 9.43 3.70
C GLU B 94 -7.72 8.02 3.17
N LEU B 95 -7.06 7.06 3.81
CA LEU B 95 -7.11 5.66 3.39
C LEU B 95 -8.32 4.89 3.92
N GLY B 96 -9.24 5.61 4.57
CA GLY B 96 -10.47 4.98 5.04
C GLY B 96 -10.61 4.39 6.43
N ALA B 97 -9.60 4.50 7.28
CA ALA B 97 -9.73 3.93 8.63
C ALA B 97 -10.96 4.51 9.30
N THR B 98 -11.58 3.72 10.19
CA THR B 98 -12.77 4.17 10.91
C THR B 98 -12.40 4.37 12.39
N ARG B 99 -11.27 3.83 12.81
CA ARG B 99 -10.84 3.96 14.20
C ARG B 99 -9.34 3.80 14.34
N ILE B 100 -8.73 4.67 15.13
CA ILE B 100 -7.30 4.60 15.36
C ILE B 100 -7.03 4.42 16.86
N GLN B 101 -6.36 3.32 17.19
CA GLN B 101 -6.04 2.99 18.57
C GLN B 101 -4.54 2.99 18.86
N PRO B 102 -4.03 4.10 19.42
CA PRO B 102 -2.59 4.17 19.73
C PRO B 102 -2.28 3.07 20.74
N LEU B 103 -1.06 2.54 20.69
CA LEU B 103 -0.67 1.49 21.61
C LEU B 103 0.63 1.78 22.32
N VAL B 104 0.73 1.28 23.55
CA VAL B 104 1.95 1.40 24.29
C VAL B 104 2.55 0.00 24.09
N THR B 105 3.80 -0.09 23.66
CA THR B 105 4.41 -1.39 23.46
C THR B 105 5.81 -1.43 24.02
N ARG B 106 6.36 -2.64 24.13
CA ARG B 106 7.69 -2.82 24.68
C ARG B 106 8.71 -1.84 24.12
N HIS B 107 8.73 -1.69 22.79
CA HIS B 107 9.69 -0.80 22.17
C HIS B 107 9.23 0.63 21.86
N SER B 108 7.95 0.93 22.07
CA SER B 108 7.48 2.29 21.81
C SER B 108 8.18 3.21 22.80
N VAL B 109 8.65 4.37 22.32
CA VAL B 109 9.33 5.30 23.22
C VAL B 109 8.31 5.98 24.12
N PRO B 110 7.30 6.63 23.54
CA PRO B 110 6.32 7.25 24.45
C PRO B 110 5.58 6.10 25.10
N LYS B 111 5.06 6.30 26.31
CA LYS B 111 4.31 5.26 27.03
C LYS B 111 2.97 5.86 27.46
N GLU B 112 2.60 6.98 26.87
CA GLU B 112 1.36 7.64 27.21
C GLU B 112 1.16 8.85 26.31
N MSE B 113 -0.05 9.42 26.35
CA MSE B 113 -0.36 10.57 25.52
C MSE B 113 -1.33 11.52 26.21
O MSE B 113 -2.45 11.13 26.54
CB MSE B 113 -0.96 10.11 24.19
CG MSE B 113 -1.50 11.26 23.36
SE MSE B 113 -2.15 10.63 21.67
CE MSE B 113 -0.48 10.75 20.71
N GLY B 114 -0.91 12.77 26.40
CA GLY B 114 -1.76 13.75 27.03
C GLY B 114 -3.05 14.05 26.30
N GLU B 115 -3.94 14.76 26.99
CA GLU B 115 -5.24 15.14 26.46
C GLU B 115 -5.06 16.10 25.29
N GLY B 116 -4.13 17.05 25.44
CA GLY B 116 -3.88 18.02 24.39
C GLY B 116 -3.39 17.36 23.11
N LYS B 117 -2.47 16.41 23.23
CA LYS B 117 -1.96 15.75 22.04
C LYS B 117 -3.08 14.98 21.34
N LEU B 118 -3.86 14.25 22.13
CA LEU B 118 -4.98 13.49 21.60
C LEU B 118 -5.98 14.39 20.88
N ARG B 119 -6.26 15.54 21.47
CA ARG B 119 -7.20 16.48 20.89
C ARG B 119 -6.67 16.93 19.52
N ARG B 120 -5.37 17.19 19.46
CA ARG B 120 -4.73 17.63 18.22
C ARG B 120 -4.88 16.55 17.15
N LEU B 121 -4.60 15.30 17.51
CA LEU B 121 -4.73 14.21 16.54
C LEU B 121 -6.17 14.11 16.05
N ARG B 122 -7.13 14.39 16.94
CA ARG B 122 -8.53 14.35 16.54
C ARG B 122 -8.84 15.46 15.53
N ALA B 123 -8.14 16.58 15.65
CA ALA B 123 -8.33 17.71 14.73
C ALA B 123 -7.75 17.35 13.35
N VAL B 124 -6.63 16.63 13.37
CA VAL B 124 -5.99 16.19 12.12
C VAL B 124 -6.93 15.25 11.38
N ALA B 125 -7.55 14.33 12.11
CA ALA B 125 -8.48 13.37 11.50
C ALA B 125 -9.68 14.10 10.94
N LEU B 126 -10.23 15.04 11.70
CA LEU B 126 -11.39 15.81 11.25
C LEU B 126 -11.05 16.50 9.94
N GLU B 127 -9.90 17.16 9.89
CA GLU B 127 -9.46 17.87 8.68
C GLU B 127 -9.22 16.93 7.49
N ALA B 128 -8.49 15.85 7.73
CA ALA B 128 -8.18 14.88 6.68
C ALA B 128 -9.46 14.24 6.12
N ALA B 129 -10.45 14.04 6.99
CA ALA B 129 -11.71 13.44 6.56
C ALA B 129 -12.37 14.38 5.56
N LYS B 130 -12.42 15.67 5.90
CA LYS B 130 -13.04 16.64 5.01
C LYS B 130 -12.34 16.67 3.66
N GLN B 131 -11.02 16.78 3.69
CA GLN B 131 -10.26 16.86 2.44
C GLN B 131 -10.32 15.59 1.60
N SER B 132 -10.56 14.44 2.24
CA SER B 132 -10.65 13.18 1.50
C SER B 132 -12.09 12.89 1.04
N GLY B 133 -13.00 13.81 1.32
CA GLY B 133 -14.39 13.64 0.92
C GLY B 133 -15.25 12.82 1.86
N ARG B 134 -14.71 12.45 3.01
CA ARG B 134 -15.49 11.65 3.97
C ARG B 134 -16.39 12.51 4.83
N VAL B 135 -17.52 11.94 5.28
CA VAL B 135 -18.44 12.64 6.16
C VAL B 135 -18.29 11.93 7.51
N VAL B 136 -17.61 10.79 7.48
CA VAL B 136 -17.36 10.03 8.69
C VAL B 136 -15.95 10.40 9.16
N VAL B 137 -15.82 10.77 10.43
CA VAL B 137 -14.53 11.13 10.96
C VAL B 137 -14.04 9.96 11.81
N PRO B 138 -12.83 9.46 11.53
CA PRO B 138 -12.27 8.35 12.29
C PRO B 138 -12.13 8.72 13.76
N GLU B 139 -12.39 7.74 14.62
CA GLU B 139 -12.27 7.92 16.04
C GLU B 139 -10.83 7.66 16.45
N VAL B 140 -10.24 8.57 17.21
CA VAL B 140 -8.88 8.41 17.70
C VAL B 140 -9.04 8.27 19.21
N LEU B 141 -8.50 7.20 19.78
CA LEU B 141 -8.65 6.91 21.20
C LEU B 141 -7.41 7.03 22.07
N PRO B 142 -7.61 7.07 23.40
CA PRO B 142 -6.48 7.17 24.34
C PRO B 142 -5.66 5.89 24.18
N PRO B 143 -4.34 5.96 24.35
CA PRO B 143 -3.51 4.77 24.20
C PRO B 143 -3.92 3.61 25.12
N ILE B 144 -3.57 2.39 24.72
CA ILE B 144 -3.84 1.20 25.51
C ILE B 144 -2.61 0.30 25.39
N PRO B 145 -2.35 -0.53 26.42
CA PRO B 145 -1.19 -1.42 26.35
C PRO B 145 -1.45 -2.46 25.26
N LEU B 146 -0.37 -3.02 24.71
CA LEU B 146 -0.52 -4.00 23.65
C LEU B 146 -1.36 -5.19 24.09
N LYS B 147 -1.06 -5.74 25.27
CA LYS B 147 -1.80 -6.90 25.75
C LYS B 147 -3.29 -6.61 25.92
N ALA B 148 -3.68 -5.35 25.75
CA ALA B 148 -5.07 -4.94 25.87
C ALA B 148 -5.79 -5.03 24.52
N VAL B 149 -5.06 -5.31 23.45
CA VAL B 149 -5.67 -5.42 22.13
C VAL B 149 -6.64 -6.60 22.21
N PRO B 150 -7.84 -6.45 21.64
CA PRO B 150 -8.84 -7.51 21.68
C PRO B 150 -8.69 -8.62 20.65
N GLN B 151 -9.48 -9.68 20.86
CA GLN B 151 -9.52 -10.80 19.95
C GLN B 151 -10.23 -10.20 18.75
N VAL B 152 -9.80 -10.56 17.55
CA VAL B 152 -10.42 -10.00 16.35
C VAL B 152 -10.88 -11.09 15.39
N ALA B 153 -11.87 -10.75 14.57
CA ALA B 153 -12.39 -11.68 13.58
C ALA B 153 -11.38 -11.78 12.45
N GLN B 154 -10.81 -10.64 12.07
CA GLN B 154 -9.82 -10.62 11.00
C GLN B 154 -8.78 -9.54 11.24
N GLY B 155 -7.53 -9.96 11.39
CA GLY B 155 -6.47 -9.00 11.61
C GLY B 155 -5.23 -9.28 10.77
N LEU B 156 -4.48 -8.23 10.47
CA LEU B 156 -3.26 -8.38 9.68
C LEU B 156 -2.12 -7.64 10.37
N VAL B 157 -0.94 -8.25 10.39
CA VAL B 157 0.23 -7.63 10.98
C VAL B 157 1.39 -7.98 10.05
N ALA B 158 2.15 -6.97 9.65
CA ALA B 158 3.29 -7.20 8.76
C ALA B 158 4.41 -7.85 9.55
N HIS B 159 5.02 -8.89 8.99
CA HIS B 159 6.13 -9.56 9.68
C HIS B 159 7.16 -10.08 8.68
N VAL B 160 8.43 -9.88 9.00
CA VAL B 160 9.53 -10.31 8.16
C VAL B 160 9.51 -11.79 7.82
N GLY B 161 9.04 -12.63 8.74
CA GLY B 161 9.00 -14.04 8.46
C GLY B 161 7.83 -14.50 7.58
N ALA B 162 6.79 -13.68 7.48
CA ALA B 162 5.60 -14.01 6.69
C ALA B 162 5.81 -14.14 5.17
N THR B 163 5.05 -15.05 4.56
CA THR B 163 5.12 -15.25 3.12
C THR B 163 3.80 -14.90 2.41
N ALA B 164 2.70 -14.92 3.16
CA ALA B 164 1.39 -14.63 2.56
C ALA B 164 1.22 -13.14 2.23
N ARG B 165 0.60 -12.85 1.09
CA ARG B 165 0.36 -11.48 0.67
C ARG B 165 -1.01 -11.05 1.18
N VAL B 166 -1.19 -9.75 1.42
CA VAL B 166 -2.47 -9.24 1.89
C VAL B 166 -3.62 -9.69 0.98
N ARG B 167 -3.44 -9.62 -0.33
CA ARG B 167 -4.52 -10.01 -1.24
C ARG B 167 -4.88 -11.50 -1.19
N GLU B 168 -4.02 -12.31 -0.58
CA GLU B 168 -4.25 -13.75 -0.48
C GLU B 168 -4.99 -14.18 0.79
N VAL B 169 -5.07 -13.28 1.77
CA VAL B 169 -5.75 -13.63 3.02
C VAL B 169 -6.96 -12.76 3.33
N LEU B 170 -7.01 -11.58 2.72
CA LEU B 170 -8.08 -10.63 2.95
C LEU B 170 -9.48 -11.05 2.53
N ASP B 171 -10.44 -10.88 3.44
CA ASP B 171 -11.85 -11.15 3.17
C ASP B 171 -12.46 -9.75 3.23
N PRO B 172 -12.81 -9.19 2.07
CA PRO B 172 -13.39 -7.85 1.97
C PRO B 172 -14.73 -7.57 2.66
N GLU B 173 -15.41 -8.60 3.14
CA GLU B 173 -16.69 -8.35 3.81
C GLU B 173 -16.59 -8.44 5.31
N LYS B 174 -15.43 -8.83 5.80
CA LYS B 174 -15.22 -8.96 7.23
C LYS B 174 -14.62 -7.67 7.79
N PRO B 175 -14.87 -7.39 9.08
CA PRO B 175 -14.29 -6.17 9.67
C PRO B 175 -12.80 -6.35 9.54
N LEU B 176 -12.05 -5.26 9.65
CA LEU B 176 -10.60 -5.34 9.52
C LEU B 176 -9.82 -4.66 10.64
N ALA B 177 -8.85 -5.37 11.17
CA ALA B 177 -7.98 -4.87 12.23
C ALA B 177 -6.55 -4.98 11.70
N LEU B 178 -5.78 -3.91 11.84
CA LEU B 178 -4.40 -3.89 11.38
C LEU B 178 -3.55 -3.47 12.58
N ALA B 179 -2.44 -4.19 12.80
CA ALA B 179 -1.55 -3.87 13.90
C ALA B 179 -0.17 -3.50 13.37
N VAL B 180 0.33 -2.35 13.81
CA VAL B 180 1.65 -1.84 13.40
C VAL B 180 2.47 -1.43 14.62
N GLY B 181 3.68 -1.97 14.74
CA GLY B 181 4.54 -1.67 15.87
C GLY B 181 5.32 -0.37 15.72
N PRO B 182 6.13 0.00 16.72
CA PRO B 182 6.93 1.24 16.70
C PRO B 182 8.18 1.15 15.82
N GLU B 183 9.04 2.17 15.87
CA GLU B 183 10.27 2.15 15.08
C GLU B 183 11.06 0.90 15.44
N GLY B 184 11.01 0.54 16.72
CA GLY B 184 11.73 -0.62 17.20
C GLY B 184 11.04 -1.92 16.81
N GLY B 185 9.79 -1.81 16.34
CA GLY B 185 9.06 -3.00 15.94
C GLY B 185 8.39 -3.73 17.11
N PHE B 186 7.56 -4.70 16.78
CA PHE B 186 6.88 -5.52 17.78
C PHE B 186 7.92 -6.55 18.21
N ALA B 187 7.91 -6.94 19.48
CA ALA B 187 8.85 -7.96 19.94
C ALA B 187 8.19 -9.29 19.54
N GLU B 188 8.96 -10.35 19.39
CA GLU B 188 8.34 -11.61 19.00
C GLU B 188 7.23 -12.03 19.95
N GLU B 189 7.45 -11.87 21.26
CA GLU B 189 6.42 -12.23 22.23
C GLU B 189 5.12 -11.46 21.92
N GLU B 190 5.28 -10.21 21.46
CA GLU B 190 4.14 -9.37 21.10
C GLU B 190 3.46 -9.88 19.84
N VAL B 191 4.25 -10.22 18.84
CA VAL B 191 3.70 -10.77 17.60
C VAL B 191 2.93 -12.04 17.96
N ALA B 192 3.48 -12.79 18.92
CA ALA B 192 2.86 -14.02 19.38
C ALA B 192 1.49 -13.74 19.96
N LEU B 193 1.40 -12.69 20.77
CA LEU B 193 0.12 -12.33 21.37
C LEU B 193 -0.86 -11.88 20.29
N LEU B 194 -0.36 -11.12 19.32
CA LEU B 194 -1.18 -10.64 18.20
C LEU B 194 -1.80 -11.80 17.42
N GLU B 195 -0.99 -12.80 17.09
CA GLU B 195 -1.51 -13.96 16.35
C GLU B 195 -2.53 -14.69 17.21
N ALA B 196 -2.29 -14.74 18.52
CA ALA B 196 -3.22 -15.40 19.43
C ALA B 196 -4.55 -14.66 19.37
N ARG B 197 -4.47 -13.34 19.23
CA ARG B 197 -5.66 -12.50 19.17
C ARG B 197 -6.38 -12.57 17.83
N GLY B 198 -5.80 -13.30 16.87
CA GLY B 198 -6.44 -13.43 15.57
C GLY B 198 -5.82 -12.61 14.45
N PHE B 199 -4.61 -12.10 14.67
CA PHE B 199 -3.96 -11.34 13.62
C PHE B 199 -3.14 -12.26 12.74
N THR B 200 -3.30 -12.12 11.42
CA THR B 200 -2.56 -12.94 10.48
C THR B 200 -1.31 -12.20 10.02
N PRO B 201 -0.14 -12.85 10.12
CA PRO B 201 1.09 -12.20 9.67
C PRO B 201 1.15 -12.21 8.15
N VAL B 202 1.54 -11.08 7.56
CA VAL B 202 1.62 -10.97 6.10
C VAL B 202 2.93 -10.30 5.70
N SER B 203 3.31 -10.48 4.45
CA SER B 203 4.56 -9.91 3.96
C SER B 203 4.40 -8.50 3.42
N LEU B 204 5.40 -7.65 3.69
CA LEU B 204 5.43 -6.31 3.14
C LEU B 204 6.68 -6.15 2.28
N GLY B 205 7.21 -7.26 1.80
CA GLY B 205 8.36 -7.15 0.91
C GLY B 205 9.76 -7.32 1.45
N ARG B 206 10.70 -7.09 0.57
CA ARG B 206 12.14 -7.25 0.80
C ARG B 206 12.93 -6.15 1.49
N ARG B 207 12.34 -4.97 1.68
CA ARG B 207 13.08 -3.86 2.30
C ARG B 207 12.60 -3.45 3.70
N ILE B 208 13.46 -2.78 4.43
CA ILE B 208 13.13 -2.30 5.77
C ILE B 208 12.31 -1.03 5.62
N LEU B 209 11.11 -1.02 6.18
CA LEU B 209 10.21 0.13 6.09
C LEU B 209 10.07 0.91 7.40
N ARG B 210 9.88 2.23 7.30
CA ARG B 210 9.64 3.01 8.50
C ARG B 210 8.26 2.55 8.96
N ALA B 211 8.00 2.69 10.25
CA ALA B 211 6.71 2.29 10.83
C ALA B 211 5.53 2.98 10.15
N GLU B 212 5.68 4.27 9.87
CA GLU B 212 4.60 5.02 9.21
C GLU B 212 4.29 4.42 7.86
N THR B 213 5.35 4.15 7.09
CA THR B 213 5.18 3.59 5.77
C THR B 213 4.55 2.20 5.79
N ALA B 214 4.92 1.38 6.76
CA ALA B 214 4.34 0.03 6.87
C ALA B 214 2.86 0.18 7.17
N ALA B 215 2.54 1.11 8.05
CA ALA B 215 1.14 1.34 8.41
C ALA B 215 0.31 1.73 7.20
N LEU B 216 0.80 2.71 6.44
CA LEU B 216 0.05 3.18 5.27
C LEU B 216 -0.01 2.15 4.14
N ALA B 217 1.06 1.39 3.96
CA ALA B 217 1.07 0.38 2.90
C ALA B 217 0.06 -0.73 3.24
N LEU B 218 0.04 -1.17 4.50
CA LEU B 218 -0.90 -2.22 4.90
C LEU B 218 -2.32 -1.76 4.64
N LEU B 219 -2.60 -0.53 5.06
CA LEU B 219 -3.93 0.05 4.87
C LEU B 219 -4.27 0.18 3.40
N ALA B 220 -3.34 0.76 2.63
CA ALA B 220 -3.57 0.96 1.21
C ALA B 220 -3.86 -0.36 0.50
N LEU B 221 -3.25 -1.44 0.96
CA LEU B 221 -3.47 -2.75 0.34
C LEU B 221 -4.90 -3.25 0.59
N CYS B 222 -5.46 -2.89 1.75
CA CYS B 222 -6.81 -3.32 2.12
C CYS B 222 -7.95 -2.40 1.68
N THR B 223 -7.68 -1.13 1.47
CA THR B 223 -8.76 -0.23 1.09
C THR B 223 -8.63 0.35 -0.32
N ALA B 224 -7.81 1.38 -0.46
CA ALA B 224 -7.62 2.02 -1.75
C ALA B 224 -7.24 1.02 -2.84
N GLY B 225 -6.36 0.09 -2.49
CA GLY B 225 -5.91 -0.91 -3.45
C GLY B 225 -6.98 -1.88 -3.89
N GLU B 226 -8.00 -2.07 -3.06
CA GLU B 226 -9.11 -2.98 -3.39
C GLU B 226 -10.21 -2.19 -4.08
N GLY B 227 -9.93 -0.92 -4.36
CA GLY B 227 -10.90 -0.06 -5.02
C GLY B 227 -12.08 0.37 -4.17
N ARG B 228 -11.93 0.36 -2.85
CA ARG B 228 -13.02 0.74 -1.93
C ARG B 228 -12.65 1.97 -1.11
#